data_7T40
#
_entry.id   7T40
#
_cell.length_a   101.605
_cell.length_b   58.056
_cell.length_c   49.899
_cell.angle_alpha   90.00
_cell.angle_beta   112.70
_cell.angle_gamma   90.00
#
_symmetry.space_group_name_H-M   'C 1 2 1'
#
loop_
_entity.id
_entity.type
_entity.pdbx_description
1 polymer '3C-like proteinase'
2 non-polymer '(1R,2S)-1-hydroxy-2-{[N-({[7-(methanesulfonyl)-7-azaspiro[3.5]nonan-2-yl]oxy}carbonyl)-L-leucyl]amino}-3-[(3S)-2-oxopyrrolidin-3-yl]propane-1-sulfonic acid'
3 non-polymer '(1S,2S)-1-hydroxy-2-{[N-({[7-(methanesulfonyl)-7-azaspiro[3.5]nonan-2-yl]oxy}carbonyl)-L-leucyl]amino}-3-[(3S)-2-oxopyrrolidin-3-yl]propane-1-sulfonic acid'
4 non-polymer 'TETRAETHYLENE GLYCOL'
5 water water
#
_entity_poly.entity_id   1
_entity_poly.type   'polypeptide(L)'
_entity_poly.pdbx_seq_one_letter_code
;MHHHHHHSGLVKMSHPSGDVEACMVQVTCGSMTLNGLWLDNTVWCPRHVMCPADQLSDPNYDALLISMTNHSFSVQKHIG
APANLRVVGHAMQGTLLKLTVDVANPSTPAYTFTTVKPGAAFSVLACYNGRPTGTFTVVMRPNYTIKGSFLCGSCGSVGY
TKEGSVINFCYMHQMELANGTHTGSAFDGTMYGAFMDKQVHQVQLTDKYCSVNVVAWLYAAILNGCAWFVKPNRTSVVSF
NEWALANQFTEFVGTQSVDMLAVKTGVAIEQLLYAIQQLYTGFQGKQILGSTMLEDEFTPEDVNMQIMGVVMQ
;
_entity_poly.pdbx_strand_id   A
#
loop_
_chem_comp.id
_chem_comp.type
_chem_comp.name
_chem_comp.formula
FV5 non-polymer '(1R,2S)-1-hydroxy-2-{[N-({[7-(methanesulfonyl)-7-azaspiro[3.5]nonan-2-yl]oxy}carbonyl)-L-leucyl]amino}-3-[(3S)-2-oxopyrrolidin-3-yl]propane-1-sulfonic acid' 'C23 H40 N4 O10 S2'
FVE non-polymer '(1S,2S)-1-hydroxy-2-{[N-({[7-(methanesulfonyl)-7-azaspiro[3.5]nonan-2-yl]oxy}carbonyl)-L-leucyl]amino}-3-[(3S)-2-oxopyrrolidin-3-yl]propane-1-sulfonic acid' 'C23 H40 N4 O10 S2'
PG4 non-polymer 'TETRAETHYLENE GLYCOL' 'C8 H18 O5'
#
# COMPACT_ATOMS: atom_id res chain seq x y z
N HIS A 6 -24.35 8.44 14.04
CA HIS A 6 -23.29 9.25 14.74
C HIS A 6 -21.86 8.71 14.50
N HIS A 7 -21.52 7.52 14.98
CA HIS A 7 -20.31 6.86 14.50
C HIS A 7 -20.54 6.33 13.09
N SER A 8 -19.55 6.54 12.21
CA SER A 8 -19.73 6.28 10.79
C SER A 8 -19.85 4.79 10.47
N GLY A 9 -19.39 3.93 11.36
CA GLY A 9 -19.22 2.53 11.05
C GLY A 9 -17.99 2.23 10.23
N LEU A 10 -17.13 3.22 10.00
CA LEU A 10 -15.89 3.03 9.27
C LEU A 10 -14.70 2.85 10.22
N VAL A 11 -13.88 1.84 9.95
CA VAL A 11 -12.61 1.65 10.62
C VAL A 11 -11.58 1.36 9.53
N LYS A 12 -10.32 1.44 9.89
CA LYS A 12 -9.25 1.00 9.00
C LYS A 12 -9.22 -0.51 9.08
N MET A 13 -9.70 -1.18 8.05
CA MET A 13 -9.91 -2.62 8.06
C MET A 13 -8.86 -3.30 7.20
N SER A 14 -8.13 -4.24 7.80
CA SER A 14 -7.15 -5.04 7.08
C SER A 14 -7.70 -6.43 6.82
N HIS A 15 -7.13 -7.11 5.84
CA HIS A 15 -7.49 -8.51 5.67
C HIS A 15 -7.00 -9.31 6.87
N PRO A 16 -7.63 -10.43 7.17
CA PRO A 16 -7.01 -11.35 8.13
C PRO A 16 -5.64 -11.75 7.59
N SER A 17 -4.66 -11.82 8.47
CA SER A 17 -3.29 -11.97 8.02
C SER A 17 -2.73 -13.39 8.09
N GLY A 18 -3.50 -14.37 8.58
CA GLY A 18 -2.94 -15.71 8.78
C GLY A 18 -2.29 -16.31 7.54
N ASP A 19 -2.93 -16.18 6.38
CA ASP A 19 -2.41 -16.81 5.16
C ASP A 19 -1.01 -16.30 4.86
N VAL A 20 -0.76 -15.02 5.14
CA VAL A 20 0.53 -14.41 4.82
C VAL A 20 1.53 -14.67 5.94
N GLU A 21 1.06 -14.67 7.20
CA GLU A 21 1.96 -14.99 8.30
C GLU A 21 2.71 -16.29 8.05
N ALA A 22 2.04 -17.28 7.48
CA ALA A 22 2.63 -18.58 7.24
C ALA A 22 3.69 -18.56 6.14
N CYS A 23 3.86 -17.44 5.45
CA CYS A 23 4.84 -17.30 4.37
C CYS A 23 6.06 -16.49 4.76
N MET A 24 6.08 -15.91 5.96
CA MET A 24 7.19 -15.04 6.35
C MET A 24 8.36 -15.84 6.91
N VAL A 25 9.56 -15.45 6.49
CA VAL A 25 10.82 -16.05 6.90
C VAL A 25 11.80 -14.92 7.20
N GLN A 26 12.90 -15.27 7.88
CA GLN A 26 14.01 -14.36 8.10
C GLN A 26 15.08 -14.69 7.07
N VAL A 27 15.68 -13.66 6.47
CA VAL A 27 16.82 -13.82 5.56
C VAL A 27 18.01 -13.08 6.13
N THR A 28 19.15 -13.76 6.23
CA THR A 28 20.38 -13.14 6.71
C THR A 28 21.44 -13.28 5.63
N CYS A 29 22.18 -12.20 5.42
CA CYS A 29 23.31 -12.20 4.48
C CYS A 29 24.38 -11.38 5.19
N GLY A 30 25.37 -12.07 5.75
CA GLY A 30 26.42 -11.40 6.49
C GLY A 30 25.86 -10.62 7.67
N SER A 31 26.15 -9.32 7.69
CA SER A 31 25.75 -8.42 8.76
C SER A 31 24.33 -7.89 8.62
N MET A 32 23.61 -8.26 7.56
CA MET A 32 22.28 -7.73 7.28
C MET A 32 21.24 -8.81 7.52
N THR A 33 20.13 -8.45 8.14
CA THR A 33 19.03 -9.39 8.31
C THR A 33 17.74 -8.65 8.05
N LEU A 34 16.81 -9.30 7.34
CA LEU A 34 15.50 -8.70 7.13
C LEU A 34 14.50 -9.85 6.85
N ASN A 35 13.32 -9.51 6.37
CA ASN A 35 12.28 -10.50 6.14
C ASN A 35 12.19 -10.90 4.69
N GLY A 36 11.74 -12.15 4.47
CA GLY A 36 11.39 -12.62 3.15
C GLY A 36 10.03 -13.28 3.10
N LEU A 37 9.57 -13.49 1.87
CA LEU A 37 8.28 -14.11 1.57
C LEU A 37 8.52 -15.42 0.86
N TRP A 38 8.04 -16.52 1.46
CA TRP A 38 8.31 -17.88 1.01
C TRP A 38 7.05 -18.44 0.35
N LEU A 39 7.12 -18.60 -0.97
CA LEU A 39 6.01 -19.10 -1.78
C LEU A 39 6.55 -20.23 -2.65
N ASP A 40 5.94 -21.40 -2.58
CA ASP A 40 6.42 -22.54 -3.36
C ASP A 40 7.89 -22.74 -2.98
N ASN A 41 8.81 -22.86 -3.95
CA ASN A 41 10.23 -23.03 -3.65
C ASN A 41 11.02 -21.73 -3.73
N THR A 42 10.36 -20.59 -3.63
CA THR A 42 11.00 -19.28 -3.82
C THR A 42 10.88 -18.45 -2.55
N VAL A 43 11.97 -17.78 -2.19
CA VAL A 43 11.96 -16.76 -1.14
C VAL A 43 12.32 -15.42 -1.78
N TRP A 44 11.40 -14.46 -1.69
CA TRP A 44 11.61 -13.10 -2.15
C TRP A 44 12.08 -12.23 -1.00
N CYS A 45 13.08 -11.37 -1.25
CA CYS A 45 13.46 -10.41 -0.23
C CYS A 45 14.12 -9.21 -0.89
N PRO A 46 14.24 -8.08 -0.18
CA PRO A 46 14.95 -6.93 -0.76
C PRO A 46 16.40 -7.26 -1.07
N ARG A 47 16.87 -6.73 -2.19
CA ARG A 47 18.25 -7.01 -2.56
C ARG A 47 19.27 -6.28 -1.68
N HIS A 48 18.88 -5.23 -0.95
CA HIS A 48 19.87 -4.59 -0.12
C HIS A 48 20.26 -5.43 1.10
N VAL A 49 19.69 -6.64 1.25
CA VAL A 49 20.23 -7.58 2.25
C VAL A 49 21.68 -7.91 1.92
N MET A 50 22.06 -7.77 0.67
CA MET A 50 23.41 -8.06 0.21
C MET A 50 24.39 -6.95 0.56
N CYS A 51 23.90 -5.79 0.92
CA CYS A 51 24.70 -4.59 0.94
C CYS A 51 25.32 -4.39 2.32
N PRO A 52 26.65 -4.31 2.44
CA PRO A 52 27.24 -3.86 3.71
C PRO A 52 26.81 -2.44 4.03
N ALA A 53 26.77 -2.12 5.33
CA ALA A 53 26.26 -0.82 5.74
C ALA A 53 27.11 0.34 5.21
N ASP A 54 28.42 0.13 5.07
CA ASP A 54 29.31 1.14 4.51
C ASP A 54 29.01 1.46 3.06
N GLN A 55 28.07 0.75 2.42
CA GLN A 55 27.82 0.91 0.99
C GLN A 55 26.35 1.16 0.66
N LEU A 56 25.50 1.36 1.66
CA LEU A 56 24.07 1.50 1.41
C LEU A 56 23.72 2.75 0.61
N SER A 57 24.60 3.76 0.57
CA SER A 57 24.26 4.97 -0.17
C SER A 57 24.52 4.86 -1.68
N ASP A 58 25.43 3.97 -2.11
CA ASP A 58 25.64 3.71 -3.54
C ASP A 58 26.13 2.29 -3.73
N PRO A 59 25.28 1.31 -3.47
CA PRO A 59 25.67 -0.08 -3.69
C PRO A 59 25.87 -0.38 -5.17
N ASN A 60 26.78 -1.30 -5.47
CA ASN A 60 26.82 -1.88 -6.82
C ASN A 60 26.17 -3.25 -6.71
N TYR A 61 24.87 -3.30 -6.99
CA TYR A 61 24.15 -4.53 -6.78
C TYR A 61 24.56 -5.63 -7.76
N ASP A 62 24.91 -5.28 -9.00
CA ASP A 62 25.38 -6.31 -9.92
C ASP A 62 26.64 -6.99 -9.39
N ALA A 63 27.59 -6.22 -8.87
CA ALA A 63 28.80 -6.83 -8.32
C ALA A 63 28.49 -7.61 -7.04
N LEU A 64 27.61 -7.08 -6.19
CA LEU A 64 27.24 -7.81 -4.99
C LEU A 64 26.62 -9.16 -5.34
N LEU A 65 25.72 -9.17 -6.31
CA LEU A 65 25.07 -10.43 -6.68
C LEU A 65 26.09 -11.45 -7.13
N ILE A 66 27.02 -11.03 -7.98
CA ILE A 66 28.06 -11.93 -8.48
C ILE A 66 28.90 -12.47 -7.35
N SER A 67 29.13 -11.65 -6.31
CA SER A 67 29.97 -12.08 -5.18
C SER A 67 29.28 -13.10 -4.28
N MET A 68 27.98 -13.31 -4.44
CA MET A 68 27.26 -14.21 -3.55
C MET A 68 27.32 -15.64 -4.07
N THR A 69 27.28 -16.59 -3.15
CA THR A 69 26.99 -17.99 -3.41
C THR A 69 25.72 -18.36 -2.66
N ASN A 70 25.23 -19.58 -2.89
CA ASN A 70 24.03 -20.00 -2.15
C ASN A 70 24.28 -19.98 -0.64
N HIS A 71 25.53 -20.29 -0.22
CA HIS A 71 25.93 -20.19 1.19
C HIS A 71 25.81 -18.78 1.76
N SER A 72 25.74 -17.77 0.89
CA SER A 72 25.74 -16.38 1.34
C SER A 72 24.41 -15.98 1.97
N PHE A 73 23.38 -16.81 1.87
CA PHE A 73 22.04 -16.51 2.36
C PHE A 73 21.63 -17.60 3.35
N SER A 74 21.16 -17.18 4.51
CA SER A 74 20.61 -18.08 5.52
C SER A 74 19.14 -17.72 5.67
N VAL A 75 18.26 -18.68 5.44
CA VAL A 75 16.81 -18.47 5.52
C VAL A 75 16.26 -19.34 6.62
N GLN A 76 15.51 -18.73 7.54
CA GLN A 76 14.89 -19.45 8.65
C GLN A 76 13.42 -19.09 8.79
N LYS A 77 12.60 -20.10 9.09
CA LYS A 77 11.22 -19.94 9.53
C LYS A 77 11.16 -20.24 11.03
N HIS A 78 10.58 -19.33 11.83
CA HIS A 78 10.40 -19.64 13.25
C HIS A 78 8.95 -19.67 13.71
N ILE A 79 8.00 -19.44 12.82
CA ILE A 79 6.59 -19.38 13.20
C ILE A 79 6.10 -20.74 13.69
N ALA A 83 12.05 -23.96 10.83
CA ALA A 83 12.86 -24.60 9.79
C ALA A 83 14.00 -23.72 9.31
N ASN A 84 15.13 -24.34 8.97
CA ASN A 84 16.17 -23.71 8.17
C ASN A 84 15.93 -24.14 6.73
N LEU A 85 15.79 -23.17 5.83
CA LEU A 85 15.57 -23.44 4.42
C LEU A 85 16.90 -23.30 3.70
N ARG A 86 17.37 -24.38 3.10
CA ARG A 86 18.63 -24.36 2.37
C ARG A 86 18.45 -23.67 1.03
N VAL A 87 19.26 -22.66 0.75
CA VAL A 87 19.22 -21.97 -0.54
C VAL A 87 19.98 -22.79 -1.58
N VAL A 88 19.32 -23.06 -2.70
CA VAL A 88 19.92 -23.82 -3.79
C VAL A 88 19.99 -23.03 -5.08
N GLY A 89 19.54 -21.77 -5.08
CA GLY A 89 19.65 -20.90 -6.22
C GLY A 89 19.43 -19.47 -5.80
N HIS A 90 20.02 -18.54 -6.54
CA HIS A 90 19.79 -17.14 -6.25
C HIS A 90 19.83 -16.32 -7.53
N ALA A 91 18.95 -15.33 -7.59
CA ALA A 91 18.77 -14.46 -8.74
C ALA A 91 18.26 -13.11 -8.25
N MET A 92 18.42 -12.09 -9.10
CA MET A 92 17.97 -10.75 -8.80
C MET A 92 16.92 -10.34 -9.82
N GLN A 93 15.82 -9.78 -9.35
CA GLN A 93 14.79 -9.22 -10.24
C GLN A 93 14.55 -7.78 -9.81
N GLY A 94 15.13 -6.84 -10.55
CA GLY A 94 15.03 -5.45 -10.14
C GLY A 94 15.60 -5.28 -8.75
N THR A 95 14.78 -4.75 -7.84
CA THR A 95 15.19 -4.46 -6.47
C THR A 95 14.91 -5.60 -5.49
N LEU A 96 14.53 -6.78 -6.00
CA LEU A 96 14.27 -7.95 -5.19
C LEU A 96 15.23 -9.08 -5.56
N LEU A 97 15.57 -9.88 -4.55
CA LEU A 97 16.16 -11.18 -4.78
C LEU A 97 15.10 -12.27 -4.85
N LYS A 98 15.35 -13.24 -5.70
CA LYS A 98 14.56 -14.47 -5.76
C LYS A 98 15.50 -15.61 -5.34
N LEU A 99 15.32 -16.07 -4.11
CA LEU A 99 16.10 -17.20 -3.60
C LEU A 99 15.33 -18.48 -3.79
N THR A 100 15.98 -19.47 -4.37
CA THR A 100 15.35 -20.77 -4.54
C THR A 100 15.77 -21.65 -3.38
N VAL A 101 14.79 -22.28 -2.72
CA VAL A 101 15.05 -23.10 -1.54
C VAL A 101 14.64 -24.54 -1.84
N ASP A 102 15.19 -25.45 -1.02
CA ASP A 102 15.03 -26.88 -1.28
C ASP A 102 13.68 -27.42 -0.83
N VAL A 103 12.87 -26.62 -0.14
CA VAL A 103 11.61 -27.09 0.41
C VAL A 103 10.51 -26.14 -0.05
N ALA A 104 9.42 -26.70 -0.58
CA ALA A 104 8.29 -25.88 -0.97
C ALA A 104 7.41 -25.58 0.25
N ASN A 105 6.98 -24.32 0.38
CA ASN A 105 6.18 -23.92 1.52
C ASN A 105 4.88 -24.73 1.50
N PRO A 106 4.64 -25.60 2.47
CA PRO A 106 3.39 -26.38 2.47
C PRO A 106 2.15 -25.54 2.71
N SER A 107 2.30 -24.30 3.17
CA SER A 107 1.20 -23.39 3.42
C SER A 107 1.14 -22.25 2.40
N THR A 108 1.67 -22.48 1.19
CA THR A 108 1.58 -21.48 0.15
C THR A 108 0.11 -21.24 -0.19
N PRO A 109 -0.40 -20.03 -0.03
CA PRO A 109 -1.78 -19.76 -0.44
C PRO A 109 -1.86 -19.63 -1.97
N ALA A 110 -3.08 -19.67 -2.47
CA ALA A 110 -3.29 -19.23 -3.85
C ALA A 110 -2.91 -17.76 -3.93
N TYR A 111 -2.09 -17.40 -4.92
CA TYR A 111 -1.59 -16.03 -4.97
C TYR A 111 -1.31 -15.58 -6.39
N THR A 112 -1.29 -14.24 -6.54
CA THR A 112 -0.80 -13.57 -7.73
C THR A 112 0.07 -12.41 -7.27
N PHE A 113 0.76 -11.81 -8.24
CA PHE A 113 1.49 -10.56 -8.04
C PHE A 113 0.84 -9.47 -8.88
N THR A 114 0.54 -8.35 -8.27
CA THR A 114 -0.04 -7.21 -8.97
C THR A 114 0.58 -5.90 -8.47
N THR A 115 0.42 -4.85 -9.25
CA THR A 115 0.83 -3.52 -8.83
C THR A 115 -0.40 -2.75 -8.35
N VAL A 116 -0.27 -2.08 -7.24
CA VAL A 116 -1.34 -1.28 -6.68
C VAL A 116 -1.21 0.14 -7.21
N LYS A 117 -2.36 0.80 -7.34
CA LYS A 117 -2.47 2.11 -7.95
C LYS A 117 -2.78 3.18 -6.92
N PRO A 118 -2.42 4.43 -7.20
CA PRO A 118 -2.70 5.51 -6.25
C PRO A 118 -4.17 5.54 -5.86
N GLY A 119 -4.40 5.78 -4.57
CA GLY A 119 -5.75 5.80 -4.03
C GLY A 119 -6.25 4.44 -3.60
N ALA A 120 -5.65 3.35 -4.05
CA ALA A 120 -6.13 2.02 -3.69
C ALA A 120 -5.52 1.57 -2.36
N ALA A 121 -6.29 0.78 -1.61
CA ALA A 121 -5.93 0.32 -0.27
C ALA A 121 -5.33 -1.07 -0.33
N PHE A 122 -4.40 -1.33 0.58
CA PHE A 122 -3.91 -2.68 0.75
C PHE A 122 -3.51 -2.90 2.20
N SER A 123 -3.38 -4.16 2.54
CA SER A 123 -3.04 -4.60 3.88
C SER A 123 -1.55 -4.90 3.97
N VAL A 124 -0.96 -4.55 5.11
CA VAL A 124 0.47 -4.74 5.34
C VAL A 124 0.65 -5.60 6.57
N LEU A 125 1.57 -6.54 6.49
CA LEU A 125 1.97 -7.34 7.62
C LEU A 125 3.39 -6.92 7.99
N ALA A 126 3.51 -6.16 9.08
CA ALA A 126 4.79 -5.68 9.56
C ALA A 126 5.49 -6.79 10.33
N CYS A 127 6.72 -7.08 9.93
CA CYS A 127 7.49 -8.20 10.45
C CYS A 127 8.89 -7.73 10.80
N TYR A 128 9.46 -8.37 11.81
CA TYR A 128 10.82 -8.13 12.26
C TYR A 128 11.47 -9.47 12.52
N ASN A 129 12.65 -9.69 11.94
CA ASN A 129 13.37 -10.95 12.15
C ASN A 129 12.49 -12.14 11.76
N GLY A 130 11.69 -11.97 10.71
CA GLY A 130 10.83 -13.03 10.24
C GLY A 130 9.63 -13.28 11.11
N ARG A 131 9.39 -12.45 12.12
CA ARG A 131 8.26 -12.65 13.02
C ARG A 131 7.20 -11.59 12.76
N PRO A 132 5.99 -11.97 12.36
CA PRO A 132 4.93 -10.96 12.20
C PRO A 132 4.61 -10.29 13.53
N THR A 133 4.53 -8.96 13.50
CA THR A 133 4.33 -8.16 14.70
C THR A 133 3.08 -7.29 14.66
N GLY A 134 2.59 -6.92 13.49
CA GLY A 134 1.33 -6.19 13.44
C GLY A 134 0.78 -6.11 12.04
N THR A 135 -0.48 -5.71 11.94
CA THR A 135 -1.06 -5.51 10.62
C THR A 135 -1.85 -4.21 10.57
N PHE A 136 -1.82 -3.59 9.41
CA PHE A 136 -2.46 -2.30 9.22
C PHE A 136 -2.78 -2.18 7.74
N THR A 137 -3.59 -1.17 7.42
CA THR A 137 -3.97 -0.91 6.03
C THR A 137 -3.60 0.52 5.68
N VAL A 138 -3.19 0.71 4.42
CA VAL A 138 -2.78 2.00 3.88
C VAL A 138 -3.36 2.15 2.49
N VAL A 139 -3.45 3.41 2.03
CA VAL A 139 -3.72 3.72 0.63
CA VAL A 139 -3.71 3.71 0.62
C VAL A 139 -2.41 4.16 -0.01
N MET A 140 -2.17 3.69 -1.23
CA MET A 140 -1.01 4.17 -2.00
C MET A 140 -1.26 5.63 -2.34
N ARG A 141 -0.36 6.50 -1.91
CA ARG A 141 -0.52 7.92 -2.17
C ARG A 141 -0.22 8.25 -3.64
N PRO A 142 -0.73 9.38 -4.12
CA PRO A 142 -0.42 9.80 -5.50
C PRO A 142 1.07 9.99 -5.76
N ASN A 143 1.91 10.13 -4.73
CA ASN A 143 3.35 10.25 -4.96
C ASN A 143 4.08 8.93 -4.70
N TYR A 144 3.35 7.82 -4.69
CA TYR A 144 3.90 6.47 -4.58
C TYR A 144 4.67 6.24 -3.29
N THR A 145 4.18 6.85 -2.23
CA THR A 145 4.58 6.55 -0.87
C THR A 145 3.35 6.03 -0.12
N ILE A 146 3.59 5.49 1.08
CA ILE A 146 2.50 5.13 1.98
C ILE A 146 2.81 5.69 3.36
N LYS A 147 1.75 5.96 4.11
CA LYS A 147 1.90 6.53 5.44
C LYS A 147 1.82 5.36 6.40
N GLY A 148 2.93 4.65 6.53
CA GLY A 148 2.95 3.42 7.28
C GLY A 148 3.55 3.54 8.66
N SER A 149 3.97 2.40 9.18
CA SER A 149 4.55 2.31 10.52
C SER A 149 5.59 1.20 10.43
N PHE A 150 6.84 1.60 10.22
CA PHE A 150 7.94 0.68 9.91
C PHE A 150 9.18 1.18 10.64
N LEU A 151 9.88 0.27 11.32
CA LEU A 151 11.12 0.58 12.02
C LEU A 151 12.29 -0.18 11.40
N CYS A 152 13.49 0.01 11.94
CA CYS A 152 14.63 -0.75 11.46
CA CYS A 152 14.62 -0.75 11.43
C CYS A 152 14.34 -2.24 11.57
N GLY A 153 14.70 -2.99 10.53
CA GLY A 153 14.43 -4.42 10.48
C GLY A 153 13.12 -4.80 9.81
N SER A 154 12.34 -3.83 9.38
CA SER A 154 11.03 -4.12 8.82
C SER A 154 11.08 -4.41 7.33
N CYS A 155 12.22 -4.22 6.66
CA CYS A 155 12.22 -4.43 5.23
C CYS A 155 11.88 -5.89 4.90
N GLY A 156 11.22 -6.09 3.77
CA GLY A 156 10.71 -7.39 3.43
C GLY A 156 9.30 -7.65 3.93
N SER A 157 8.80 -6.82 4.83
CA SER A 157 7.39 -6.84 5.16
C SER A 157 6.60 -6.64 3.88
N VAL A 158 5.42 -7.29 3.79
CA VAL A 158 4.68 -7.32 2.54
C VAL A 158 3.31 -6.67 2.66
N GLY A 159 2.85 -6.15 1.51
CA GLY A 159 1.52 -5.63 1.38
C GLY A 159 0.76 -6.42 0.34
N TYR A 160 -0.55 -6.56 0.55
CA TYR A 160 -1.33 -7.45 -0.30
C TYR A 160 -2.78 -7.03 -0.23
N THR A 161 -3.53 -7.45 -1.25
CA THR A 161 -4.98 -7.42 -1.29
C THR A 161 -5.45 -8.85 -1.45
N LYS A 162 -6.75 -9.07 -1.36
CA LYS A 162 -7.30 -10.43 -1.41
C LYS A 162 -8.54 -10.40 -2.28
N GLU A 163 -8.60 -11.28 -3.28
CA GLU A 163 -9.80 -11.46 -4.11
C GLU A 163 -10.23 -12.91 -3.92
N GLY A 164 -11.35 -13.10 -3.24
CA GLY A 164 -11.71 -14.45 -2.88
C GLY A 164 -10.70 -15.01 -1.92
N SER A 165 -10.21 -16.20 -2.24
CA SER A 165 -9.14 -16.83 -1.47
C SER A 165 -7.75 -16.49 -2.01
N VAL A 166 -7.67 -15.66 -3.06
CA VAL A 166 -6.39 -15.42 -3.72
C VAL A 166 -5.76 -14.16 -3.14
N ILE A 167 -4.54 -14.31 -2.66
CA ILE A 167 -3.78 -13.20 -2.13
C ILE A 167 -3.02 -12.57 -3.29
N ASN A 168 -3.19 -11.26 -3.48
CA ASN A 168 -2.54 -10.49 -4.53
C ASN A 168 -1.44 -9.68 -3.86
N PHE A 169 -0.20 -10.14 -3.96
CA PHE A 169 0.90 -9.43 -3.33
C PHE A 169 1.27 -8.24 -4.20
N CYS A 170 1.43 -7.07 -3.57
CA CYS A 170 1.62 -5.84 -4.30
C CYS A 170 2.75 -4.99 -3.78
N TYR A 171 3.36 -5.32 -2.64
CA TYR A 171 4.29 -4.39 -2.01
C TYR A 171 5.29 -5.18 -1.16
N MET A 172 6.56 -4.82 -1.26
CA MET A 172 7.57 -5.35 -0.33
C MET A 172 8.38 -4.16 0.17
N HIS A 173 8.45 -4.00 1.49
CA HIS A 173 8.93 -2.74 2.06
C HIS A 173 10.44 -2.56 1.88
N GLN A 174 10.83 -1.31 1.55
CA GLN A 174 12.24 -0.98 1.33
C GLN A 174 12.79 0.22 2.12
N MET A 175 12.03 1.31 2.27
CA MET A 175 12.66 2.59 2.59
C MET A 175 11.71 3.49 3.36
N GLU A 176 12.28 4.36 4.22
CA GLU A 176 11.53 5.43 4.88
C GLU A 176 12.11 6.74 4.42
N LEU A 177 11.28 7.57 3.80
CA LEU A 177 11.75 8.82 3.25
C LEU A 177 11.86 9.86 4.35
N ALA A 178 12.49 10.99 4.00
CA ALA A 178 12.81 12.00 5.00
C ALA A 178 11.57 12.50 5.73
N ASN A 179 10.42 12.52 5.07
CA ASN A 179 9.20 13.05 5.68
C ASN A 179 8.40 12.00 6.43
N GLY A 180 8.99 10.84 6.70
CA GLY A 180 8.35 9.85 7.53
C GLY A 180 7.48 8.88 6.78
N THR A 181 7.25 9.12 5.49
CA THR A 181 6.50 8.14 4.71
C THR A 181 7.42 7.04 4.19
N HIS A 182 6.80 6.05 3.55
CA HIS A 182 7.44 4.79 3.24
C HIS A 182 7.25 4.42 1.77
N THR A 183 8.18 3.65 1.24
CA THR A 183 7.98 3.10 -0.09
C THR A 183 8.73 1.78 -0.22
N GLY A 184 8.46 1.12 -1.33
CA GLY A 184 9.00 -0.20 -1.57
C GLY A 184 8.78 -0.66 -2.99
N SER A 185 8.86 -1.96 -3.17
CA SER A 185 8.89 -2.61 -4.47
C SER A 185 7.57 -3.31 -4.77
N ALA A 186 7.24 -3.40 -6.06
CA ALA A 186 6.34 -4.45 -6.51
C ALA A 186 7.12 -5.73 -6.79
N PHE A 187 6.40 -6.83 -6.96
CA PHE A 187 7.08 -8.11 -7.13
C PHE A 187 7.57 -8.33 -8.55
N ASP A 188 7.33 -7.39 -9.46
CA ASP A 188 8.11 -7.36 -10.70
C ASP A 188 9.46 -6.74 -10.49
N GLY A 189 9.78 -6.31 -9.27
CA GLY A 189 11.08 -5.76 -8.97
C GLY A 189 11.19 -4.26 -9.13
N THR A 190 10.19 -3.60 -9.72
CA THR A 190 10.24 -2.14 -9.78
C THR A 190 10.01 -1.56 -8.39
N MET A 191 10.65 -0.42 -8.13
CA MET A 191 10.19 0.44 -7.04
C MET A 191 8.95 1.21 -7.49
N TYR A 192 8.05 1.46 -6.54
CA TYR A 192 6.93 2.34 -6.81
C TYR A 192 7.46 3.75 -7.10
N GLY A 193 6.81 4.44 -8.02
CA GLY A 193 7.21 5.80 -8.31
C GLY A 193 8.60 5.83 -8.93
N ALA A 194 9.29 6.94 -8.70
CA ALA A 194 10.65 7.17 -9.23
C ALA A 194 11.74 6.85 -8.21
N PHE A 195 11.40 6.11 -7.17
CA PHE A 195 12.32 5.86 -6.07
C PHE A 195 13.35 4.80 -6.44
N MET A 196 14.51 4.88 -5.79
CA MET A 196 15.58 3.92 -5.94
C MET A 196 15.95 3.38 -4.57
N ASP A 197 16.38 2.12 -4.55
CA ASP A 197 16.74 1.47 -3.28
C ASP A 197 18.20 1.76 -2.94
N LYS A 198 18.47 3.05 -2.74
CA LYS A 198 19.79 3.58 -2.39
C LYS A 198 19.56 4.57 -1.25
N GLN A 199 20.43 4.53 -0.26
CA GLN A 199 20.24 5.34 0.94
C GLN A 199 20.81 6.74 0.74
N VAL A 200 20.11 7.51 -0.10
CA VAL A 200 20.48 8.89 -0.41
C VAL A 200 19.20 9.72 -0.48
N HIS A 201 19.36 11.04 -0.34
CA HIS A 201 18.23 11.94 -0.52
C HIS A 201 17.59 11.68 -1.87
N GLN A 202 16.26 11.68 -1.90
CA GLN A 202 15.54 11.54 -3.16
C GLN A 202 14.42 12.56 -3.22
N VAL A 203 14.16 13.09 -4.43
CA VAL A 203 13.08 14.05 -4.58
C VAL A 203 11.75 13.36 -4.24
N GLN A 204 10.89 14.05 -3.52
CA GLN A 204 9.54 13.54 -3.28
C GLN A 204 8.58 14.34 -4.13
N LEU A 205 7.76 13.64 -4.91
CA LEU A 205 6.71 14.32 -5.63
C LEU A 205 5.65 14.79 -4.65
N THR A 206 4.89 15.80 -5.06
CA THR A 206 3.82 16.30 -4.20
C THR A 206 2.77 15.22 -3.99
N ASP A 207 2.31 15.10 -2.75
CA ASP A 207 1.11 14.35 -2.44
C ASP A 207 -0.10 15.16 -2.91
N LYS A 208 -1.24 14.48 -3.03
CA LYS A 208 -2.47 15.11 -3.49
C LYS A 208 -3.61 14.44 -2.77
N TYR A 209 -4.73 15.15 -2.62
CA TYR A 209 -5.97 14.51 -2.20
C TYR A 209 -6.47 13.53 -3.24
N CYS A 210 -6.87 12.32 -2.82
CA CYS A 210 -7.38 11.31 -3.75
CA CYS A 210 -7.38 11.32 -3.76
C CYS A 210 -8.87 11.56 -3.92
N SER A 211 -9.24 12.26 -4.99
CA SER A 211 -10.62 12.72 -5.19
C SER A 211 -11.64 11.61 -5.09
N VAL A 212 -11.35 10.44 -5.70
CA VAL A 212 -12.36 9.38 -5.70
C VAL A 212 -12.62 8.91 -4.27
N ASN A 213 -11.60 8.92 -3.40
CA ASN A 213 -11.77 8.52 -2.01
C ASN A 213 -12.46 9.59 -1.19
N VAL A 214 -12.27 10.88 -1.50
CA VAL A 214 -13.05 11.93 -0.85
C VAL A 214 -14.53 11.79 -1.22
N VAL A 215 -14.82 11.55 -2.50
CA VAL A 215 -16.18 11.27 -2.92
C VAL A 215 -16.74 10.10 -2.12
N ALA A 216 -15.98 9.02 -1.98
CA ALA A 216 -16.47 7.88 -1.22
C ALA A 216 -16.85 8.25 0.20
N TRP A 217 -16.01 9.07 0.84
CA TRP A 217 -16.22 9.45 2.23
C TRP A 217 -17.45 10.33 2.36
N LEU A 218 -17.64 11.24 1.40
CA LEU A 218 -18.86 12.05 1.42
C LEU A 218 -20.10 11.19 1.24
N TYR A 219 -20.02 10.13 0.42
CA TYR A 219 -21.14 9.19 0.35
C TYR A 219 -21.33 8.47 1.68
N ALA A 220 -20.23 8.09 2.32
CA ALA A 220 -20.33 7.46 3.63
C ALA A 220 -21.07 8.37 4.59
N ALA A 221 -20.82 9.68 4.49
CA ALA A 221 -21.49 10.65 5.35
C ALA A 221 -22.99 10.63 5.09
N ILE A 222 -23.36 10.65 3.82
CA ILE A 222 -24.78 10.61 3.46
C ILE A 222 -25.42 9.31 3.94
N LEU A 223 -24.71 8.19 3.78
CA LEU A 223 -25.22 6.91 4.26
C LEU A 223 -25.39 6.88 5.77
N ASN A 224 -24.80 7.85 6.47
CA ASN A 224 -24.96 7.99 7.90
C ASN A 224 -25.91 9.11 8.30
N GLY A 225 -26.67 9.66 7.36
CA GLY A 225 -27.62 10.73 7.66
C GLY A 225 -27.01 12.12 7.69
N CYS A 226 -25.78 12.27 7.25
CA CYS A 226 -25.04 13.55 7.29
C CYS A 226 -24.94 14.04 5.85
N ALA A 227 -25.79 15.01 5.48
CA ALA A 227 -25.84 15.48 4.10
C ALA A 227 -25.98 17.00 3.99
N TRP A 228 -25.54 17.76 5.00
CA TRP A 228 -25.70 19.20 4.96
C TRP A 228 -24.97 19.85 3.79
N PHE A 229 -23.94 19.19 3.27
CA PHE A 229 -23.10 19.71 2.20
C PHE A 229 -23.64 19.38 0.82
N VAL A 230 -24.73 18.60 0.73
CA VAL A 230 -25.32 18.24 -0.55
C VAL A 230 -26.25 19.37 -0.98
N LYS A 231 -26.04 19.86 -2.19
CA LYS A 231 -26.87 20.90 -2.78
C LYS A 231 -27.25 20.47 -4.19
N PRO A 232 -28.22 21.15 -4.81
CA PRO A 232 -28.51 20.84 -6.22
C PRO A 232 -27.34 21.15 -7.14
N ASN A 233 -26.46 22.06 -6.73
CA ASN A 233 -25.36 22.46 -7.60
C ASN A 233 -24.51 21.25 -7.97
N ARG A 234 -23.95 21.31 -9.18
CA ARG A 234 -23.19 20.20 -9.75
C ARG A 234 -21.95 20.77 -10.43
N THR A 235 -20.90 19.96 -10.45
CA THR A 235 -19.71 20.25 -11.23
C THR A 235 -19.45 19.01 -12.06
N SER A 236 -19.16 19.20 -13.35
CA SER A 236 -18.94 18.06 -14.21
C SER A 236 -17.58 17.44 -13.91
N VAL A 237 -17.44 16.18 -14.30
CA VAL A 237 -16.15 15.52 -14.11
C VAL A 237 -15.05 16.26 -14.85
N VAL A 238 -15.33 16.71 -16.09
CA VAL A 238 -14.30 17.41 -16.85
C VAL A 238 -13.94 18.72 -16.18
N SER A 239 -14.95 19.44 -15.68
CA SER A 239 -14.68 20.72 -15.04
C SER A 239 -13.97 20.54 -13.69
N PHE A 240 -14.38 19.54 -12.91
CA PHE A 240 -13.67 19.24 -11.67
C PHE A 240 -12.22 18.91 -11.93
N ASN A 241 -11.95 18.11 -12.96
CA ASN A 241 -10.59 17.66 -13.18
C ASN A 241 -9.67 18.79 -13.61
N GLU A 242 -10.19 19.77 -14.35
CA GLU A 242 -9.42 20.98 -14.59
C GLU A 242 -9.11 21.70 -13.28
N TRP A 243 -10.12 21.84 -12.43
CA TRP A 243 -9.94 22.46 -11.12
C TRP A 243 -8.95 21.68 -10.27
N ALA A 244 -9.07 20.35 -10.27
CA ALA A 244 -8.18 19.52 -9.45
C ALA A 244 -6.71 19.81 -9.72
N LEU A 245 -6.34 20.00 -10.99
CA LEU A 245 -4.94 20.22 -11.35
C LEU A 245 -4.37 21.48 -10.71
N ALA A 246 -5.22 22.47 -10.44
CA ALA A 246 -4.79 23.73 -9.84
C ALA A 246 -4.87 23.71 -8.31
N ASN A 247 -5.32 22.61 -7.71
CA ASN A 247 -5.61 22.65 -6.28
C ASN A 247 -5.12 21.39 -5.55
N GLN A 248 -4.21 20.62 -6.13
CA GLN A 248 -3.57 19.52 -5.43
C GLN A 248 -4.53 18.37 -5.18
N PHE A 249 -5.47 18.15 -6.11
CA PHE A 249 -6.35 16.99 -6.10
C PHE A 249 -5.99 16.10 -7.28
N THR A 250 -6.19 14.80 -7.09
CA THR A 250 -6.16 13.91 -8.24
C THR A 250 -7.34 14.19 -9.14
N GLU A 251 -7.15 13.93 -10.42
CA GLU A 251 -8.27 13.87 -11.34
C GLU A 251 -9.16 12.68 -10.98
N PHE A 252 -10.44 12.93 -10.99
CA PHE A 252 -11.44 11.94 -10.61
C PHE A 252 -11.77 11.03 -11.79
N VAL A 253 -11.78 9.74 -11.52
CA VAL A 253 -12.14 8.70 -12.48
C VAL A 253 -13.16 7.82 -11.78
N GLY A 254 -14.43 7.93 -12.18
CA GLY A 254 -15.48 7.16 -11.55
C GLY A 254 -15.36 5.68 -11.85
N THR A 255 -16.00 4.89 -11.00
CA THR A 255 -15.94 3.44 -11.06
C THR A 255 -17.29 2.87 -10.72
N GLN A 256 -17.46 1.58 -11.03
CA GLN A 256 -18.70 0.91 -10.69
C GLN A 256 -18.98 0.97 -9.19
N SER A 257 -17.93 0.95 -8.38
CA SER A 257 -18.11 1.03 -6.93
CA SER A 257 -18.14 1.01 -6.93
C SER A 257 -18.68 2.38 -6.51
N VAL A 258 -18.24 3.45 -7.16
CA VAL A 258 -18.79 4.77 -6.85
C VAL A 258 -20.24 4.85 -7.34
N ASP A 259 -20.49 4.33 -8.54
CA ASP A 259 -21.86 4.34 -9.07
C ASP A 259 -22.84 3.67 -8.11
N MET A 260 -22.43 2.57 -7.45
CA MET A 260 -23.37 1.91 -6.53
C MET A 260 -23.72 2.81 -5.36
N LEU A 261 -22.77 3.64 -4.92
CA LEU A 261 -23.02 4.59 -3.86
C LEU A 261 -23.96 5.71 -4.32
N ALA A 262 -23.79 6.17 -5.56
CA ALA A 262 -24.70 7.17 -6.12
C ALA A 262 -26.11 6.63 -6.20
N VAL A 263 -26.25 5.37 -6.60
CA VAL A 263 -27.57 4.75 -6.73
C VAL A 263 -28.24 4.64 -5.36
N LYS A 264 -27.50 4.12 -4.38
CA LYS A 264 -28.06 3.87 -3.05
C LYS A 264 -28.50 5.16 -2.38
N THR A 265 -27.71 6.23 -2.51
CA THR A 265 -28.00 7.48 -1.83
C THR A 265 -28.91 8.40 -2.64
N GLY A 266 -29.03 8.16 -3.93
CA GLY A 266 -29.70 9.11 -4.79
C GLY A 266 -29.01 10.44 -4.95
N VAL A 267 -27.72 10.53 -4.65
CA VAL A 267 -26.97 11.77 -4.82
C VAL A 267 -25.92 11.55 -5.90
N ALA A 268 -25.89 12.44 -6.86
CA ALA A 268 -25.05 12.21 -8.03
C ALA A 268 -23.61 12.63 -7.74
N ILE A 269 -22.68 11.97 -8.44
CA ILE A 269 -21.26 12.27 -8.31
C ILE A 269 -20.99 13.76 -8.48
N GLU A 270 -21.62 14.36 -9.50
CA GLU A 270 -21.33 15.75 -9.81
C GLU A 270 -21.75 16.67 -8.67
N GLN A 271 -22.74 16.28 -7.88
CA GLN A 271 -23.10 17.05 -6.70
C GLN A 271 -21.99 17.03 -5.66
N LEU A 272 -21.34 15.87 -5.50
CA LEU A 272 -20.25 15.79 -4.54
C LEU A 272 -18.97 16.45 -5.03
N LEU A 273 -18.71 16.45 -6.35
CA LEU A 273 -17.57 17.19 -6.88
C LEU A 273 -17.71 18.68 -6.61
N TYR A 274 -18.93 19.22 -6.73
CA TYR A 274 -19.17 20.61 -6.34
C TYR A 274 -18.99 20.80 -4.83
N ALA A 275 -19.49 19.86 -4.03
CA ALA A 275 -19.28 19.93 -2.60
C ALA A 275 -17.80 19.98 -2.24
N ILE A 276 -16.99 19.15 -2.87
CA ILE A 276 -15.56 19.13 -2.58
C ILE A 276 -14.93 20.49 -2.87
N GLN A 277 -15.29 21.11 -4.00
CA GLN A 277 -14.75 22.41 -4.36
C GLN A 277 -15.03 23.44 -3.27
N GLN A 278 -16.25 23.40 -2.71
CA GLN A 278 -16.62 24.37 -1.67
C GLN A 278 -15.99 24.01 -0.33
N LEU A 279 -16.05 22.73 0.04
CA LEU A 279 -15.43 22.28 1.29
C LEU A 279 -13.93 22.59 1.32
N TYR A 280 -13.27 22.54 0.16
CA TYR A 280 -11.84 22.81 0.13
C TYR A 280 -11.53 24.24 0.55
N THR A 281 -12.44 25.17 0.32
CA THR A 281 -12.23 26.55 0.75
C THR A 281 -12.51 26.72 2.24
N GLY A 282 -13.25 25.79 2.85
CA GLY A 282 -13.44 25.77 4.29
C GLY A 282 -14.74 25.08 4.69
N PHE A 283 -14.72 24.39 5.83
CA PHE A 283 -15.92 23.75 6.36
C PHE A 283 -16.81 24.71 7.12
N GLN A 284 -16.36 25.95 7.32
CA GLN A 284 -17.14 26.99 8.00
C GLN A 284 -17.62 26.49 9.36
N GLY A 285 -16.72 25.84 10.08
CA GLY A 285 -17.00 25.35 11.41
C GLY A 285 -17.93 24.16 11.51
N LYS A 286 -18.37 23.58 10.41
CA LYS A 286 -19.18 22.38 10.48
C LYS A 286 -18.28 21.15 10.39
N GLN A 287 -18.83 20.01 10.79
CA GLN A 287 -18.11 18.77 10.75
C GLN A 287 -18.80 17.79 9.81
N ILE A 288 -18.00 16.91 9.21
CA ILE A 288 -18.50 15.76 8.46
C ILE A 288 -17.88 14.52 9.08
N LEU A 289 -18.74 13.62 9.58
CA LEU A 289 -18.29 12.38 10.22
C LEU A 289 -17.16 12.65 11.21
N GLY A 290 -17.31 13.71 11.99
CA GLY A 290 -16.39 14.03 13.05
C GLY A 290 -15.15 14.79 12.62
N SER A 291 -15.04 15.13 11.35
CA SER A 291 -13.84 15.75 10.80
C SER A 291 -14.17 17.15 10.30
N THR A 292 -13.17 18.03 10.42
CA THR A 292 -13.27 19.36 9.82
C THR A 292 -12.27 19.48 8.66
N MET A 293 -11.81 18.35 8.12
CA MET A 293 -11.06 18.35 6.87
C MET A 293 -11.45 17.13 6.04
N LEU A 294 -11.21 17.25 4.74
CA LEU A 294 -11.57 16.18 3.81
C LEU A 294 -10.74 14.94 4.11
N GLU A 295 -11.40 13.79 4.02
CA GLU A 295 -10.78 12.50 4.31
C GLU A 295 -10.65 11.72 3.01
N ASP A 296 -9.43 11.26 2.69
CA ASP A 296 -9.24 10.50 1.46
C ASP A 296 -8.60 9.13 1.70
N GLU A 297 -8.64 8.63 2.94
CA GLU A 297 -8.02 7.34 3.26
C GLU A 297 -9.01 6.18 3.26
N PHE A 298 -10.28 6.40 2.88
CA PHE A 298 -11.23 5.32 2.65
C PHE A 298 -11.69 5.27 1.20
N THR A 299 -11.73 4.06 0.64
CA THR A 299 -12.05 3.85 -0.76
C THR A 299 -13.55 3.61 -0.98
N PRO A 300 -14.01 3.76 -2.21
CA PRO A 300 -15.38 3.36 -2.54
C PRO A 300 -15.70 1.94 -2.11
N GLU A 301 -14.74 1.03 -2.29
CA GLU A 301 -14.95 -0.36 -1.88
C GLU A 301 -15.10 -0.48 -0.37
N ASP A 302 -14.30 0.27 0.39
CA ASP A 302 -14.41 0.27 1.85
C ASP A 302 -15.82 0.62 2.27
N VAL A 303 -16.35 1.71 1.69
CA VAL A 303 -17.68 2.18 2.05
C VAL A 303 -18.73 1.15 1.65
N ASN A 304 -18.64 0.62 0.42
CA ASN A 304 -19.60 -0.39 -0.01
C ASN A 304 -19.60 -1.60 0.92
N MET A 305 -18.41 -2.06 1.30
CA MET A 305 -18.29 -3.26 2.12
C MET A 305 -18.65 -3.00 3.57
N GLN A 306 -18.11 -1.92 4.15
CA GLN A 306 -18.23 -1.79 5.58
C GLN A 306 -19.59 -1.29 5.99
N ILE A 307 -20.15 -0.39 5.20
CA ILE A 307 -21.43 0.20 5.51
C ILE A 307 -22.57 -0.54 4.83
N MET A 308 -22.44 -0.83 3.54
CA MET A 308 -23.55 -1.43 2.78
C MET A 308 -23.50 -2.95 2.72
N GLY A 309 -22.44 -3.59 3.19
CA GLY A 309 -22.41 -5.04 3.18
C GLY A 309 -22.18 -5.67 1.84
N VAL A 310 -21.60 -4.93 0.90
CA VAL A 310 -21.32 -5.45 -0.43
C VAL A 310 -19.89 -5.96 -0.50
C12 FV5 B . 13.39 0.14 6.81
C14 FV5 B . 12.02 2.11 7.61
C16 FV5 B . 13.47 2.79 9.40
C19 FV5 B . 14.69 -1.96 6.10
C23 FV5 B . 16.54 6.28 4.72
C24 FV5 B . 17.42 7.54 4.95
C26 FV5 B . 18.04 8.64 2.75
C27 FV5 B . 18.70 9.87 3.29
C31 FV5 B . 19.60 12.77 2.69
C02 FV5 B . 16.51 3.97 4.32
C04 FV5 B . 16.73 1.65 3.73
C05 FV5 B . 17.76 0.77 2.97
C06 FV5 B . 18.12 1.34 1.60
C07 FV5 B . 19.33 0.61 0.97
C08 FV5 B . 16.90 1.31 0.65
C09 FV5 B . 16.34 1.02 5.08
C11 FV5 B . 14.78 -0.44 6.37
C13 FV5 B . 13.45 1.60 7.26
C17 FV5 B . 14.27 1.81 8.55
C25 FV5 B . 16.92 8.16 3.61
C33 FV5 B . 16.50 10.62 4.09
C34 FV5 B . 15.92 9.28 3.67
C35 FV5 B . 16.30 6.82 3.28
N03 FV5 B . 17.30 2.94 3.91
N10 FV5 B . 15.24 0.20 5.17
N15 FV5 B . 12.11 2.77 8.84
N28 FV5 B . 17.78 11.01 3.52
O01 FV5 B . 15.30 3.95 4.33
O18 FV5 B . 11.02 1.99 6.98
O20 FV5 B . 16.00 -2.42 5.86
O21 FV5 B . 16.99 1.28 6.09
O22 FV5 B . 17.22 5.08 4.72
O30 FV5 B . 17.33 13.43 3.51
O32 FV5 B . 18.92 12.52 5.09
S29 FV5 B . 18.37 12.51 3.77
C13 FVE C . 13.42 1.56 7.25
C14 FVE C . 11.99 2.03 7.63
C16 FVE C . 13.46 2.79 9.37
C17 FVE C . 14.23 1.77 8.55
C19 FVE C . 14.82 -1.88 6.00
O22 FVE C . 17.23 5.08 4.71
N28 FVE C . 17.77 11.00 3.52
C31 FVE C . 19.58 12.77 2.72
C33 FVE C . 16.47 10.62 4.04
C34 FVE C . 15.90 9.27 3.60
C35 FVE C . 16.29 6.81 3.25
C12 FVE C . 13.41 0.12 6.78
C23 FVE C . 16.54 6.28 4.69
C24 FVE C . 17.39 7.55 4.92
C26 FVE C . 18.03 8.64 2.71
C27 FVE C . 18.68 9.86 3.26
C02 FVE C . 16.54 3.96 4.30
C04 FVE C . 16.83 1.61 3.68
C05 FVE C . 17.85 0.79 2.89
C06 FVE C . 18.13 1.36 1.52
C07 FVE C . 19.34 0.66 0.85
C08 FVE C . 16.89 1.28 0.61
C09 FVE C . 16.47 0.90 4.98
C11 FVE C . 14.81 -0.38 6.32
C25 FVE C . 16.91 8.16 3.56
N03 FVE C . 17.36 2.92 3.94
N10 FVE C . 15.23 0.32 5.14
N15 FVE C . 12.09 2.72 8.85
O01 FVE C . 15.33 3.91 4.30
O18 FVE C . 10.98 1.85 7.04
O20 FVE C . 14.52 -2.62 7.15
O21 FVE C . 17.28 0.82 5.89
O30 FVE C . 17.32 13.43 3.57
O32 FVE C . 18.93 12.48 5.12
S29 FVE C . 18.37 12.50 3.81
O1 PG4 D . -16.79 -5.31 6.50
C1 PG4 D . -16.11 -6.06 5.50
C2 PG4 D . -14.74 -5.52 5.23
O2 PG4 D . -14.02 -6.55 4.56
C3 PG4 D . -12.66 -6.61 4.94
C4 PG4 D . -11.98 -5.45 4.33
O3 PG4 D . -10.67 -5.83 3.95
C5 PG4 D . -10.07 -4.66 3.40
C6 PG4 D . -10.72 -4.36 2.08
O4 PG4 D . -9.76 -3.91 1.13
#